data_6FZM
#
_entry.id   6FZM
#
_cell.length_a   83.885
_cell.length_b   83.885
_cell.length_c   204.914
_cell.angle_alpha   90.00
_cell.angle_beta   90.00
_cell.angle_gamma   120.00
#
_symmetry.space_group_name_H-M   'P 61 2 2'
#
loop_
_entity.id
_entity.type
_entity.pdbx_description
1 polymer 'Poly [ADP-ribose] polymerase 14'
2 non-polymer '4-[(8-methyl-4-oxidanylidene-7-prop-1-ynyl-3~{H}-quinazolin-2-yl)methylsulfanyl]benzoic acid'
3 water water
#
_entity_poly.entity_id   1
_entity_poly.type   'polypeptide(L)'
_entity_poly.pdbx_seq_one_letter_code
;SMDMKQQNFCVVELLPSDPEYNTVASKFNQTCSHFRIEKIERIQNPDLWNSYQAKKKTMDAKNGQTMNEKQLFHGTDAGS
VPHVNRNGFNRSYAGKNAVAYGKGTYFAVNANYSANDTYSRPDANGRKHVYYVRVLTGIYTHGNHSLIVPPSKNPQNPTD
LYDTVTDNVHHPSLFVAFYDYQAYPEYLITFRK
;
_entity_poly.pdbx_strand_id   A,B
#
loop_
_chem_comp.id
_chem_comp.type
_chem_comp.name
_chem_comp.formula
EE5 non-polymer '4-[(8-methyl-4-oxidanylidene-7-prop-1-ynyl-3~{H}-quinazolin-2-yl)methylsulfanyl]benzoic acid' 'C20 H16 N2 O3 S'
#
# COMPACT_ATOMS: atom_id res chain seq x y z
N MET A 4 1.42 5.63 21.66
CA MET A 4 0.96 5.38 20.30
C MET A 4 1.39 3.98 19.83
N LYS A 5 0.54 3.30 19.00
CA LYS A 5 0.82 1.94 18.52
C LYS A 5 0.54 1.80 16.99
N GLN A 6 -0.25 0.75 16.58
CA GLN A 6 -0.70 0.32 15.23
C GLN A 6 0.42 0.38 14.18
N GLN A 7 0.06 0.73 12.90
CA GLN A 7 0.93 0.81 11.71
C GLN A 7 1.29 -0.61 11.23
N ASN A 8 0.62 -1.62 11.88
CA ASN A 8 0.70 -3.07 11.66
C ASN A 8 -0.66 -3.59 11.25
N PHE A 9 -0.73 -4.09 10.03
CA PHE A 9 -1.93 -4.63 9.39
C PHE A 9 -1.61 -5.76 8.39
N CYS A 10 -2.60 -6.59 8.11
CA CYS A 10 -2.53 -7.64 7.09
C CYS A 10 -3.58 -7.34 6.03
N VAL A 11 -3.29 -7.68 4.77
CA VAL A 11 -4.25 -7.50 3.66
C VAL A 11 -4.58 -8.89 3.10
N VAL A 12 -5.84 -9.35 3.30
CA VAL A 12 -6.34 -10.67 2.85
C VAL A 12 -7.23 -10.54 1.62
N GLU A 13 -6.82 -11.09 0.46
CA GLU A 13 -7.64 -11.05 -0.74
C GLU A 13 -8.80 -12.04 -0.62
N LEU A 14 -10.03 -11.54 -0.87
CA LEU A 14 -11.25 -12.35 -0.82
C LEU A 14 -11.43 -13.07 -2.12
N LEU A 15 -11.65 -14.41 -2.04
CA LEU A 15 -11.89 -15.26 -3.21
C LEU A 15 -13.28 -15.00 -3.73
N PRO A 16 -13.47 -14.96 -5.07
CA PRO A 16 -14.83 -14.78 -5.61
C PRO A 16 -15.83 -15.87 -5.20
N SER A 17 -15.32 -17.08 -4.89
CA SER A 17 -16.12 -18.23 -4.41
C SER A 17 -16.75 -17.93 -3.04
N ASP A 18 -16.07 -17.08 -2.25
CA ASP A 18 -16.40 -16.58 -0.92
C ASP A 18 -17.61 -15.62 -0.99
N PRO A 19 -18.69 -15.87 -0.19
CA PRO A 19 -19.85 -14.94 -0.20
C PRO A 19 -19.50 -13.50 0.21
N GLU A 20 -18.53 -13.33 1.14
CA GLU A 20 -18.04 -12.03 1.63
C GLU A 20 -17.66 -11.12 0.45
N TYR A 21 -17.09 -11.71 -0.63
CA TYR A 21 -16.73 -11.04 -1.87
C TYR A 21 -17.99 -10.57 -2.62
N ASN A 22 -18.95 -11.49 -2.82
CA ASN A 22 -20.19 -11.25 -3.56
C ASN A 22 -21.07 -10.20 -2.91
N THR A 23 -20.99 -10.02 -1.58
CA THR A 23 -21.75 -9.04 -0.80
C THR A 23 -21.17 -7.61 -0.97
N VAL A 24 -19.85 -7.52 -1.00
CA VAL A 24 -19.16 -6.25 -1.21
C VAL A 24 -19.37 -5.82 -2.67
N ALA A 25 -19.26 -6.79 -3.60
CA ALA A 25 -19.44 -6.60 -5.03
C ALA A 25 -20.89 -6.21 -5.39
N SER A 26 -21.89 -6.73 -4.64
CA SER A 26 -23.31 -6.45 -4.86
C SER A 26 -23.68 -5.03 -4.48
N LYS A 27 -23.21 -4.55 -3.32
CA LYS A 27 -23.44 -3.17 -2.89
C LYS A 27 -22.76 -2.20 -3.87
N PHE A 28 -21.58 -2.59 -4.38
CA PHE A 28 -20.81 -1.83 -5.32
C PHE A 28 -21.52 -1.75 -6.68
N ASN A 29 -21.95 -2.92 -7.22
CA ASN A 29 -22.61 -3.06 -8.53
C ASN A 29 -24.00 -2.40 -8.59
N GLN A 30 -24.59 -2.04 -7.44
CA GLN A 30 -25.87 -1.31 -7.36
C GLN A 30 -25.77 0.02 -8.11
N THR A 31 -24.55 0.60 -8.15
CA THR A 31 -24.24 1.86 -8.83
C THR A 31 -23.03 1.74 -9.78
N CYS A 32 -22.18 0.69 -9.60
CA CYS A 32 -20.95 0.45 -10.37
C CYS A 32 -20.93 -0.93 -11.07
N SER A 33 -22.01 -1.23 -11.81
CA SER A 33 -22.17 -2.46 -12.60
C SER A 33 -21.40 -2.37 -13.93
N HIS A 34 -21.05 -1.14 -14.35
CA HIS A 34 -20.33 -0.82 -15.59
C HIS A 34 -18.78 -0.99 -15.45
N PHE A 35 -18.28 -1.19 -14.22
CA PHE A 35 -16.86 -1.43 -13.94
C PHE A 35 -16.62 -2.92 -13.78
N ARG A 36 -15.34 -3.33 -13.84
CA ARG A 36 -14.92 -4.72 -13.68
C ARG A 36 -13.98 -4.79 -12.47
N ILE A 37 -14.41 -5.48 -11.39
CA ILE A 37 -13.64 -5.64 -10.15
C ILE A 37 -12.45 -6.59 -10.40
N GLU A 38 -11.22 -6.11 -10.14
CA GLU A 38 -10.04 -6.94 -10.30
C GLU A 38 -9.86 -7.79 -9.07
N LYS A 39 -10.00 -7.17 -7.88
CA LYS A 39 -9.90 -7.83 -6.57
C LYS A 39 -10.58 -7.00 -5.50
N ILE A 40 -11.07 -7.70 -4.47
CA ILE A 40 -11.65 -7.15 -3.26
C ILE A 40 -10.80 -7.74 -2.12
N GLU A 41 -10.07 -6.86 -1.44
CA GLU A 41 -9.20 -7.21 -0.32
C GLU A 41 -9.80 -6.71 0.98
N ARG A 42 -9.54 -7.45 2.08
CA ARG A 42 -9.98 -7.09 3.43
C ARG A 42 -8.76 -6.60 4.18
N ILE A 43 -8.88 -5.43 4.82
CA ILE A 43 -7.81 -4.78 5.56
C ILE A 43 -7.92 -5.12 7.06
N GLN A 44 -7.00 -5.99 7.56
CA GLN A 44 -6.96 -6.50 8.93
C GLN A 44 -5.93 -5.76 9.79
N ASN A 45 -6.33 -4.59 10.33
CA ASN A 45 -5.51 -3.74 11.22
C ASN A 45 -6.08 -3.84 12.64
N PRO A 46 -5.50 -4.69 13.51
CA PRO A 46 -6.10 -4.92 14.83
C PRO A 46 -6.19 -3.72 15.74
N ASP A 47 -5.14 -2.88 15.79
CA ASP A 47 -5.08 -1.72 16.69
C ASP A 47 -6.03 -0.62 16.24
N LEU A 48 -6.20 -0.41 14.92
CA LEU A 48 -7.13 0.55 14.32
C LEU A 48 -8.59 0.10 14.52
N TRP A 49 -8.83 -1.23 14.42
CA TRP A 49 -10.11 -1.88 14.63
C TRP A 49 -10.56 -1.78 16.10
N ASN A 50 -9.67 -2.07 17.08
CA ASN A 50 -9.93 -2.01 18.52
C ASN A 50 -10.26 -0.58 18.97
N SER A 51 -9.59 0.41 18.35
CA SER A 51 -9.82 1.82 18.64
C SER A 51 -11.15 2.27 18.03
N TYR A 52 -11.54 1.69 16.87
CA TYR A 52 -12.78 1.99 16.17
C TYR A 52 -14.00 1.42 16.97
N GLN A 53 -13.85 0.18 17.49
CA GLN A 53 -14.86 -0.51 18.29
C GLN A 53 -15.12 0.19 19.62
N ALA A 54 -14.09 0.75 20.24
CA ALA A 54 -14.19 1.46 21.51
C ALA A 54 -14.92 2.82 21.35
N LYS A 55 -14.86 3.41 20.14
CA LYS A 55 -15.52 4.66 19.75
C LYS A 55 -16.98 4.35 19.50
N LYS A 56 -17.26 3.17 18.92
CA LYS A 56 -18.59 2.62 18.62
C LYS A 56 -19.35 2.30 19.90
N LYS A 57 -18.68 1.68 20.89
CA LYS A 57 -19.26 1.33 22.21
C LYS A 57 -19.73 2.58 22.95
N THR A 58 -18.99 3.69 22.81
CA THR A 58 -19.27 5.00 23.38
C THR A 58 -20.50 5.64 22.70
N MET A 59 -20.54 5.69 21.36
CA MET A 59 -21.63 6.26 20.55
C MET A 59 -22.94 5.54 20.78
N ASP A 60 -22.89 4.19 20.88
CA ASP A 60 -24.05 3.33 21.17
C ASP A 60 -24.61 3.63 22.56
N ALA A 61 -23.72 3.90 23.52
CA ALA A 61 -24.07 4.22 24.90
C ALA A 61 -24.60 5.67 25.06
N LYS A 62 -24.65 6.47 23.99
CA LYS A 62 -25.13 7.85 24.13
C LYS A 62 -26.19 8.23 23.09
N ASN A 63 -26.28 7.53 21.96
CA ASN A 63 -27.22 7.94 20.91
C ASN A 63 -28.55 7.13 20.87
N GLY A 64 -28.89 6.48 21.98
CA GLY A 64 -30.13 5.72 22.13
C GLY A 64 -30.41 4.69 21.06
N GLN A 65 -31.55 4.88 20.37
CA GLN A 65 -32.09 4.02 19.30
C GLN A 65 -31.35 4.14 17.93
N THR A 66 -30.50 5.18 17.76
CA THR A 66 -29.78 5.51 16.52
C THR A 66 -28.84 4.41 16.08
N MET A 67 -28.89 4.09 14.77
CA MET A 67 -27.97 3.15 14.11
C MET A 67 -26.81 4.01 13.72
N ASN A 68 -25.83 3.99 14.61
CA ASN A 68 -24.65 4.84 14.56
C ASN A 68 -23.75 4.52 13.41
N GLU A 69 -23.66 3.25 13.03
CA GLU A 69 -22.74 2.80 11.98
C GLU A 69 -23.44 2.60 10.65
N LYS A 70 -22.79 3.06 9.58
CA LYS A 70 -23.20 2.91 8.18
C LYS A 70 -21.99 2.41 7.40
N GLN A 71 -22.22 1.68 6.30
CA GLN A 71 -21.14 1.20 5.44
C GLN A 71 -21.16 2.07 4.18
N LEU A 72 -20.12 2.93 4.06
CA LEU A 72 -19.97 3.93 3.00
C LEU A 72 -18.75 3.68 2.13
N PHE A 73 -18.60 4.50 1.09
CA PHE A 73 -17.53 4.36 0.10
C PHE A 73 -16.55 5.51 0.13
N HIS A 74 -15.29 5.25 -0.14
CA HIS A 74 -14.25 6.28 -0.19
C HIS A 74 -13.27 6.01 -1.33
N GLY A 75 -13.35 6.82 -2.38
CA GLY A 75 -12.44 6.76 -3.51
C GLY A 75 -11.14 7.49 -3.20
N THR A 76 -9.99 6.90 -3.58
CA THR A 76 -8.67 7.47 -3.34
C THR A 76 -7.65 7.04 -4.43
N ASP A 77 -6.49 7.73 -4.50
CA ASP A 77 -5.43 7.45 -5.46
C ASP A 77 -4.67 6.18 -5.06
N ALA A 78 -3.96 5.54 -6.01
CA ALA A 78 -3.18 4.30 -5.79
C ALA A 78 -2.19 4.42 -4.60
N GLY A 79 -1.55 5.61 -4.47
CA GLY A 79 -0.56 5.94 -3.46
C GLY A 79 -1.02 6.19 -2.04
N SER A 80 -2.31 6.46 -1.82
CA SER A 80 -2.84 6.70 -0.48
C SER A 80 -3.24 5.40 0.21
N VAL A 81 -3.30 4.30 -0.57
CA VAL A 81 -3.66 2.96 -0.09
C VAL A 81 -2.69 2.55 1.07
N PRO A 82 -1.34 2.62 0.95
CA PRO A 82 -0.50 2.28 2.10
C PRO A 82 -0.88 3.08 3.36
N HIS A 83 -1.02 4.42 3.24
CA HIS A 83 -1.37 5.36 4.32
C HIS A 83 -2.66 4.98 5.05
N VAL A 84 -3.74 4.78 4.29
CA VAL A 84 -5.05 4.45 4.84
C VAL A 84 -5.01 3.09 5.56
N ASN A 85 -4.34 2.09 4.96
CA ASN A 85 -4.22 0.75 5.51
C ASN A 85 -3.52 0.73 6.87
N ARG A 86 -2.65 1.72 7.16
CA ARG A 86 -1.93 1.84 8.44
C ARG A 86 -2.66 2.72 9.47
N ASN A 87 -2.98 3.96 9.07
CA ASN A 87 -3.51 5.03 9.91
C ASN A 87 -5.05 5.19 9.88
N GLY A 88 -5.66 4.63 8.85
CA GLY A 88 -7.08 4.80 8.62
C GLY A 88 -7.31 6.15 7.99
N PHE A 89 -8.37 6.83 8.38
CA PHE A 89 -8.62 8.13 7.80
C PHE A 89 -8.34 9.20 8.86
N ASN A 90 -7.07 9.27 9.30
CA ASN A 90 -6.58 10.18 10.34
C ASN A 90 -6.52 11.65 9.87
N ARG A 91 -6.41 12.58 10.83
CA ARG A 91 -6.43 14.04 10.68
C ARG A 91 -5.49 14.56 9.58
N SER A 92 -4.36 13.89 9.28
CA SER A 92 -3.42 14.30 8.24
C SER A 92 -3.99 14.01 6.83
N TYR A 93 -4.81 12.93 6.71
CA TYR A 93 -5.44 12.47 5.47
C TYR A 93 -6.56 13.45 5.01
N ALA A 94 -7.08 14.30 5.93
CA ALA A 94 -8.13 15.30 5.68
C ALA A 94 -7.74 16.22 4.52
N GLY A 95 -6.44 16.58 4.44
CA GLY A 95 -5.85 17.41 3.39
C GLY A 95 -5.79 16.83 1.99
N LYS A 96 -6.36 15.64 1.78
CA LYS A 96 -6.45 15.00 0.46
C LYS A 96 -7.89 15.17 -0.07
N ASN A 97 -8.88 15.34 0.88
CA ASN A 97 -10.33 15.49 0.67
C ASN A 97 -10.78 16.94 0.36
N ALA A 98 -12.10 17.18 0.35
CA ALA A 98 -12.69 18.48 0.07
C ALA A 98 -12.85 19.28 1.36
N VAL A 99 -13.44 20.49 1.26
CA VAL A 99 -13.69 21.35 2.40
C VAL A 99 -15.16 21.80 2.41
N ALA A 100 -15.91 21.54 1.32
CA ALA A 100 -17.33 21.88 1.08
C ALA A 100 -18.19 21.93 2.35
N TYR A 101 -18.20 20.82 3.12
CA TYR A 101 -18.95 20.64 4.36
C TYR A 101 -18.02 20.46 5.57
N GLY A 102 -16.81 21.01 5.46
CA GLY A 102 -15.87 20.96 6.56
C GLY A 102 -14.63 20.15 6.30
N LYS A 103 -13.61 20.42 7.11
CA LYS A 103 -12.29 19.80 7.06
C LYS A 103 -12.33 18.45 7.74
N GLY A 104 -12.34 17.41 6.91
CA GLY A 104 -12.33 16.03 7.36
C GLY A 104 -12.23 15.07 6.20
N THR A 105 -12.77 13.87 6.37
CA THR A 105 -12.76 12.85 5.33
C THR A 105 -14.18 12.61 4.82
N TYR A 106 -14.38 12.69 3.51
CA TYR A 106 -15.67 12.50 2.88
C TYR A 106 -15.90 11.06 2.54
N PHE A 107 -17.13 10.57 2.71
CA PHE A 107 -17.55 9.20 2.36
C PHE A 107 -18.87 9.27 1.60
N ALA A 108 -18.97 8.63 0.40
CA ALA A 108 -20.19 8.63 -0.40
C ALA A 108 -21.11 7.44 -0.03
N VAL A 109 -22.41 7.58 -0.30
CA VAL A 109 -23.40 6.56 0.00
C VAL A 109 -23.39 5.56 -1.16
N ASN A 110 -23.34 6.10 -2.40
CA ASN A 110 -23.28 5.35 -3.64
C ASN A 110 -21.86 5.27 -4.10
N ALA A 111 -21.39 4.06 -4.47
CA ALA A 111 -20.02 3.82 -4.90
C ALA A 111 -19.67 4.62 -6.17
N ASN A 112 -20.69 4.92 -7.04
CA ASN A 112 -20.50 5.66 -8.29
C ASN A 112 -20.08 7.14 -8.04
N TYR A 113 -20.26 7.69 -6.81
CA TYR A 113 -19.76 9.02 -6.48
C TYR A 113 -18.25 8.86 -6.26
N SER A 114 -17.86 7.88 -5.41
CA SER A 114 -16.48 7.54 -5.09
C SER A 114 -15.69 6.99 -6.30
N ALA A 115 -16.39 6.49 -7.35
CA ALA A 115 -15.83 5.92 -8.60
C ALA A 115 -15.36 7.00 -9.58
N ASN A 116 -15.71 8.27 -9.31
CA ASN A 116 -15.31 9.37 -10.15
C ASN A 116 -13.78 9.45 -10.23
N ASP A 117 -13.26 9.77 -11.42
CA ASP A 117 -11.81 9.90 -11.67
C ASP A 117 -11.12 10.97 -10.79
N THR A 118 -11.85 11.99 -10.27
CA THR A 118 -11.28 13.02 -9.39
C THR A 118 -10.95 12.40 -8.01
N TYR A 119 -11.70 11.34 -7.62
CA TYR A 119 -11.53 10.69 -6.31
C TYR A 119 -10.76 9.35 -6.46
N SER A 120 -11.30 8.35 -7.18
CA SER A 120 -10.56 7.08 -7.35
C SER A 120 -9.71 7.14 -8.62
N ARG A 121 -8.79 8.13 -8.65
CA ARG A 121 -7.88 8.41 -9.75
C ARG A 121 -7.24 7.11 -10.31
N PRO A 122 -7.47 6.83 -11.62
CA PRO A 122 -6.91 5.64 -12.24
C PRO A 122 -5.39 5.74 -12.32
N ASP A 123 -4.68 4.69 -11.86
CA ASP A 123 -3.21 4.66 -11.86
C ASP A 123 -2.67 4.45 -13.30
N ALA A 124 -1.33 4.25 -13.41
CA ALA A 124 -0.64 4.04 -14.68
C ALA A 124 -1.16 2.82 -15.43
N ASN A 125 -1.60 1.76 -14.68
CA ASN A 125 -2.16 0.52 -15.22
C ASN A 125 -3.66 0.66 -15.48
N GLY A 126 -4.27 1.72 -14.98
CA GLY A 126 -5.69 2.03 -15.12
C GLY A 126 -6.56 1.56 -13.97
N ARG A 127 -5.94 1.15 -12.85
CA ARG A 127 -6.64 0.63 -11.68
C ARG A 127 -7.16 1.78 -10.79
N LYS A 128 -8.41 1.63 -10.33
CA LYS A 128 -9.12 2.58 -9.47
C LYS A 128 -9.35 1.94 -8.09
N HIS A 129 -9.23 2.69 -7.02
CA HIS A 129 -9.34 2.15 -5.67
C HIS A 129 -10.43 2.84 -4.89
N VAL A 130 -11.41 2.06 -4.45
CA VAL A 130 -12.58 2.53 -3.70
C VAL A 130 -12.67 1.64 -2.50
N TYR A 131 -12.73 2.25 -1.33
CA TYR A 131 -12.84 1.53 -0.07
C TYR A 131 -14.30 1.38 0.30
N TYR A 132 -14.63 0.28 0.98
CA TYR A 132 -15.94 0.03 1.59
C TYR A 132 -15.67 0.12 3.10
N VAL A 133 -15.95 1.30 3.65
CA VAL A 133 -15.62 1.75 5.01
C VAL A 133 -16.78 1.61 5.97
N ARG A 134 -16.48 1.22 7.23
CA ARG A 134 -17.44 1.21 8.34
C ARG A 134 -17.33 2.58 8.99
N VAL A 135 -18.35 3.44 8.84
CA VAL A 135 -18.31 4.79 9.38
C VAL A 135 -19.32 4.94 10.54
N LEU A 136 -18.88 5.56 11.66
CA LEU A 136 -19.72 5.86 12.81
C LEU A 136 -20.34 7.24 12.56
N THR A 137 -21.42 7.25 11.76
CA THR A 137 -22.16 8.46 11.35
C THR A 137 -22.97 9.06 12.53
N GLY A 138 -23.41 8.21 13.46
CA GLY A 138 -24.18 8.61 14.63
C GLY A 138 -25.32 9.55 14.31
N ILE A 139 -25.38 10.72 15.02
CA ILE A 139 -26.36 11.80 14.85
C ILE A 139 -25.67 12.91 14.04
N TYR A 140 -26.25 13.27 12.88
CA TYR A 140 -25.67 14.25 11.97
C TYR A 140 -26.58 15.45 11.64
N THR A 141 -25.94 16.60 11.40
CA THR A 141 -26.55 17.87 11.01
C THR A 141 -26.07 18.25 9.58
N HIS A 142 -26.37 19.50 9.13
CA HIS A 142 -25.93 19.97 7.82
C HIS A 142 -24.53 20.61 7.98
N GLY A 143 -23.68 20.40 6.98
CA GLY A 143 -22.31 20.91 6.99
C GLY A 143 -22.07 22.17 6.19
N ASN A 144 -20.95 22.85 6.50
CA ASN A 144 -20.48 24.07 5.80
C ASN A 144 -18.94 24.06 5.74
N HIS A 145 -18.35 24.80 4.78
CA HIS A 145 -16.90 24.87 4.52
C HIS A 145 -16.03 25.26 5.74
N SER A 146 -16.55 26.08 6.67
CA SER A 146 -15.84 26.59 7.85
C SER A 146 -15.58 25.59 9.00
N LEU A 147 -16.26 24.43 8.99
CA LEU A 147 -16.12 23.41 10.04
C LEU A 147 -14.73 22.75 10.07
N ILE A 148 -14.25 22.50 11.30
CA ILE A 148 -12.98 21.84 11.67
C ILE A 148 -13.33 20.70 12.63
N VAL A 149 -14.42 20.89 13.39
CA VAL A 149 -15.07 19.99 14.35
C VAL A 149 -16.60 20.05 14.10
N PRO A 150 -17.39 18.95 14.32
CA PRO A 150 -18.85 19.04 14.07
C PRO A 150 -19.55 20.07 14.97
N PRO A 151 -20.63 20.74 14.49
CA PRO A 151 -21.33 21.73 15.35
C PRO A 151 -21.88 21.15 16.65
N SER A 152 -22.06 22.01 17.65
CA SER A 152 -22.58 21.57 18.93
C SER A 152 -24.10 21.33 18.84
N LYS A 153 -24.57 20.22 19.47
CA LYS A 153 -25.98 19.86 19.50
C LYS A 153 -26.80 20.96 20.20
N ASN A 154 -26.61 21.12 21.54
CA ASN A 154 -27.33 22.06 22.39
C ASN A 154 -26.52 23.37 22.65
N PRO A 155 -27.16 24.57 22.65
CA PRO A 155 -26.39 25.80 22.91
C PRO A 155 -26.00 25.95 24.38
N GLN A 156 -26.86 25.46 25.31
CA GLN A 156 -26.62 25.49 26.76
C GLN A 156 -25.53 24.47 27.14
N ASN A 157 -25.45 23.36 26.38
CA ASN A 157 -24.49 22.27 26.55
C ASN A 157 -23.71 22.07 25.22
N PRO A 158 -22.68 22.94 24.95
CA PRO A 158 -21.98 22.85 23.67
C PRO A 158 -20.73 21.95 23.67
N THR A 159 -20.48 21.23 24.79
CA THR A 159 -19.38 20.27 24.93
C THR A 159 -19.73 19.06 24.06
N ASP A 160 -21.03 18.71 24.02
CA ASP A 160 -21.60 17.62 23.23
C ASP A 160 -21.90 18.16 21.83
N LEU A 161 -21.28 17.54 20.81
CA LEU A 161 -21.45 17.92 19.41
C LEU A 161 -22.00 16.76 18.54
N TYR A 162 -22.36 17.09 17.30
CA TYR A 162 -22.79 16.15 16.26
C TYR A 162 -21.63 15.18 15.96
N ASP A 163 -21.93 14.01 15.42
CA ASP A 163 -20.87 13.03 15.18
C ASP A 163 -20.26 13.23 13.78
N THR A 164 -21.10 13.52 12.78
CA THR A 164 -20.69 13.80 11.41
C THR A 164 -21.61 14.92 10.87
N VAL A 165 -21.37 15.33 9.62
CA VAL A 165 -22.16 16.32 8.88
C VAL A 165 -22.46 15.71 7.52
N THR A 166 -23.52 16.18 6.85
CA THR A 166 -23.95 15.64 5.58
C THR A 166 -24.34 16.76 4.62
N ASP A 167 -24.54 16.41 3.34
CA ASP A 167 -24.94 17.35 2.30
C ASP A 167 -26.46 17.70 2.41
N ASN A 168 -27.29 16.70 2.86
CA ASN A 168 -28.75 16.75 3.04
C ASN A 168 -29.13 15.78 4.15
N VAL A 169 -29.61 16.30 5.30
CA VAL A 169 -29.94 15.50 6.50
C VAL A 169 -31.11 14.50 6.24
N HIS A 170 -32.10 14.87 5.42
CA HIS A 170 -33.24 14.01 5.13
C HIS A 170 -32.95 12.98 4.06
N HIS A 171 -32.06 13.31 3.08
CA HIS A 171 -31.65 12.42 2.00
C HIS A 171 -30.10 12.50 1.84
N PRO A 172 -29.33 11.87 2.78
CA PRO A 172 -27.87 11.96 2.72
C PRO A 172 -27.26 11.23 1.53
N SER A 173 -26.20 11.84 0.94
CA SER A 173 -25.43 11.31 -0.19
C SER A 173 -23.96 11.19 0.19
N LEU A 174 -23.46 12.12 1.01
CA LEU A 174 -22.10 12.05 1.50
C LEU A 174 -22.06 12.50 2.95
N PHE A 175 -21.10 11.96 3.70
CA PHE A 175 -20.82 12.29 5.11
C PHE A 175 -19.38 12.68 5.29
N VAL A 176 -19.12 13.63 6.21
CA VAL A 176 -17.78 14.10 6.54
C VAL A 176 -17.50 13.67 7.99
N ALA A 177 -16.48 12.83 8.18
CA ALA A 177 -15.99 12.41 9.50
C ALA A 177 -14.85 13.36 9.92
N PHE A 178 -14.75 13.70 11.24
CA PHE A 178 -13.74 14.66 11.71
C PHE A 178 -12.73 14.13 12.75
N TYR A 179 -12.92 12.90 13.21
CA TYR A 179 -12.00 12.39 14.22
C TYR A 179 -11.45 11.06 13.84
N ASP A 180 -10.22 10.84 14.25
CA ASP A 180 -9.51 9.57 14.09
C ASP A 180 -10.31 8.51 14.82
N TYR A 181 -10.39 7.31 14.22
CA TYR A 181 -11.07 6.12 14.73
C TYR A 181 -12.61 6.15 14.50
N GLN A 182 -13.14 7.11 13.69
CA GLN A 182 -14.57 7.18 13.34
C GLN A 182 -14.90 6.31 12.11
N ALA A 183 -13.88 6.02 11.29
CA ALA A 183 -14.00 5.25 10.05
C ALA A 183 -12.96 4.13 9.99
N TYR A 184 -13.38 2.90 9.60
CA TYR A 184 -12.49 1.75 9.45
C TYR A 184 -12.42 1.31 7.99
N PRO A 185 -11.24 1.37 7.30
CA PRO A 185 -11.20 0.95 5.88
C PRO A 185 -11.31 -0.59 5.72
N GLU A 186 -12.46 -1.19 6.13
CA GLU A 186 -12.67 -2.64 6.15
C GLU A 186 -12.30 -3.30 4.85
N TYR A 187 -12.82 -2.83 3.71
CA TYR A 187 -12.52 -3.41 2.39
C TYR A 187 -11.90 -2.45 1.39
N LEU A 188 -11.03 -2.98 0.55
CA LEU A 188 -10.47 -2.25 -0.58
C LEU A 188 -10.92 -2.93 -1.88
N ILE A 189 -11.67 -2.20 -2.73
CA ILE A 189 -12.15 -2.68 -4.03
C ILE A 189 -11.25 -2.08 -5.13
N THR A 190 -10.50 -2.93 -5.84
CA THR A 190 -9.61 -2.53 -6.94
C THR A 190 -10.32 -2.92 -8.23
N PHE A 191 -10.43 -1.98 -9.18
CA PHE A 191 -11.21 -2.19 -10.43
C PHE A 191 -10.74 -1.31 -11.60
N ARG A 192 -11.29 -1.51 -12.79
CA ARG A 192 -10.99 -0.71 -13.98
C ARG A 192 -12.29 -0.45 -14.77
N LYS A 193 -12.19 0.27 -15.89
CA LYS A 193 -13.35 0.66 -16.70
C LYS A 193 -13.64 -0.35 -17.80
N LYS B 5 -0.16 -17.89 -6.92
CA LYS B 5 -0.93 -18.29 -5.74
C LYS B 5 -1.71 -17.09 -5.14
N GLN B 6 -2.20 -17.22 -3.89
CA GLN B 6 -2.94 -16.20 -3.15
C GLN B 6 -2.01 -14.99 -2.85
N GLN B 7 -0.93 -15.23 -2.07
CA GLN B 7 0.11 -14.26 -1.71
C GLN B 7 -0.41 -13.09 -0.84
N ASN B 8 -1.19 -13.43 0.22
CA ASN B 8 -1.64 -12.49 1.26
C ASN B 8 -0.38 -12.13 2.07
N PHE B 9 -0.28 -10.90 2.58
CA PHE B 9 0.90 -10.42 3.32
C PHE B 9 0.57 -9.55 4.53
N CYS B 10 1.50 -9.46 5.48
CA CYS B 10 1.42 -8.56 6.62
C CYS B 10 2.58 -7.57 6.56
N VAL B 11 2.34 -6.33 7.02
CA VAL B 11 3.37 -5.29 7.07
C VAL B 11 3.63 -4.93 8.55
N VAL B 12 4.82 -5.28 9.09
CA VAL B 12 5.22 -5.04 10.49
C VAL B 12 6.22 -3.87 10.58
N GLU B 13 5.85 -2.76 11.25
CA GLU B 13 6.76 -1.63 11.41
C GLU B 13 7.82 -1.97 12.46
N LEU B 14 9.10 -1.75 12.09
CA LEU B 14 10.23 -1.99 12.99
C LEU B 14 10.45 -0.79 13.85
N LEU B 15 10.52 -1.01 15.18
CA LEU B 15 10.78 0.03 16.18
C LEU B 15 12.22 0.46 16.09
N PRO B 16 12.52 1.76 16.23
CA PRO B 16 13.93 2.19 16.23
C PRO B 16 14.79 1.57 17.35
N SER B 17 14.15 1.19 18.47
CA SER B 17 14.79 0.52 19.62
C SER B 17 15.33 -0.86 19.21
N ASP B 18 14.67 -1.49 18.22
CA ASP B 18 14.94 -2.80 17.60
C ASP B 18 16.23 -2.73 16.77
N PRO B 19 17.20 -3.66 16.99
CA PRO B 19 18.44 -3.66 16.18
C PRO B 19 18.21 -3.87 14.68
N GLU B 20 17.20 -4.69 14.32
CA GLU B 20 16.79 -4.98 12.93
C GLU B 20 16.59 -3.68 12.14
N TYR B 21 16.07 -2.63 12.81
CA TYR B 21 15.85 -1.29 12.26
C TYR B 21 17.20 -0.61 11.98
N ASN B 22 18.09 -0.59 13.00
CA ASN B 22 19.40 0.06 12.94
C ASN B 22 20.33 -0.55 11.90
N THR B 23 20.16 -1.84 11.57
CA THR B 23 20.95 -2.56 10.56
C THR B 23 20.51 -2.17 9.13
N VAL B 24 19.21 -2.03 8.92
CA VAL B 24 18.66 -1.63 7.63
C VAL B 24 19.02 -0.14 7.40
N ALA B 25 18.90 0.68 8.47
CA ALA B 25 19.21 2.11 8.48
C ALA B 25 20.69 2.38 8.24
N SER B 26 21.58 1.50 8.75
CA SER B 26 23.03 1.63 8.62
C SER B 26 23.49 1.38 7.20
N LYS B 27 22.98 0.32 6.54
CA LYS B 27 23.30 0.03 5.15
C LYS B 27 22.80 1.18 4.26
N PHE B 28 21.63 1.75 4.61
CA PHE B 28 21.00 2.84 3.90
C PHE B 28 21.80 4.13 4.05
N ASN B 29 22.19 4.49 5.30
CA ASN B 29 22.92 5.70 5.65
C ASN B 29 24.37 5.72 5.12
N GLN B 30 24.90 4.56 4.66
CA GLN B 30 26.22 4.45 4.04
C GLN B 30 26.30 5.35 2.80
N THR B 31 25.14 5.58 2.13
CA THR B 31 25.02 6.45 0.94
C THR B 31 23.87 7.47 1.06
N CYS B 32 22.92 7.24 2.00
CA CYS B 32 21.77 8.13 2.17
C CYS B 32 21.64 8.71 3.62
N SER B 33 22.76 9.23 4.15
CA SER B 33 22.86 9.86 5.47
C SER B 33 22.20 11.25 5.47
N HIS B 34 21.99 11.82 4.27
CA HIS B 34 21.39 13.16 4.04
C HIS B 34 19.84 13.11 4.06
N PHE B 35 19.24 11.92 4.09
CA PHE B 35 17.80 11.73 4.18
C PHE B 35 17.40 11.42 5.63
N ARG B 36 16.11 11.55 5.95
CA ARG B 36 15.57 11.24 7.27
C ARG B 36 14.54 10.14 7.13
N ILE B 37 14.81 8.95 7.71
CA ILE B 37 13.93 7.78 7.66
C ILE B 37 12.68 8.03 8.53
N GLU B 38 11.50 7.92 7.94
CA GLU B 38 10.25 8.09 8.69
C GLU B 38 9.91 6.78 9.37
N LYS B 39 10.00 5.67 8.62
CA LYS B 39 9.75 4.31 9.10
C LYS B 39 10.41 3.28 8.21
N ILE B 40 10.76 2.14 8.82
CA ILE B 40 11.28 0.96 8.16
C ILE B 40 10.30 -0.17 8.54
N GLU B 41 9.61 -0.69 7.53
CA GLU B 41 8.62 -1.77 7.67
C GLU B 41 9.16 -3.03 7.08
N ARG B 42 8.75 -4.18 7.64
CA ARG B 42 9.11 -5.51 7.16
C ARG B 42 7.89 -6.10 6.49
N ILE B 43 8.07 -6.62 5.28
CA ILE B 43 7.00 -7.22 4.46
C ILE B 43 7.00 -8.73 4.67
N GLN B 44 5.95 -9.24 5.33
CA GLN B 44 5.76 -10.66 5.66
C GLN B 44 4.74 -11.34 4.73
N ASN B 45 5.20 -11.76 3.53
CA ASN B 45 4.42 -12.44 2.49
C ASN B 45 4.86 -13.91 2.43
N PRO B 46 4.13 -14.83 3.09
CA PRO B 46 4.59 -16.22 3.18
C PRO B 46 4.72 -16.96 1.86
N ASP B 47 3.76 -16.81 0.95
CA ASP B 47 3.73 -17.51 -0.32
C ASP B 47 4.82 -17.03 -1.28
N LEU B 48 5.12 -15.71 -1.27
CA LEU B 48 6.18 -15.08 -2.07
C LEU B 48 7.58 -15.47 -1.54
N TRP B 49 7.68 -15.58 -0.19
CA TRP B 49 8.89 -16.00 0.54
C TRP B 49 9.21 -17.47 0.26
N ASN B 50 8.21 -18.39 0.34
CA ASN B 50 8.35 -19.83 0.10
C ASN B 50 8.79 -20.10 -1.34
N SER B 51 8.27 -19.30 -2.29
CA SER B 51 8.60 -19.44 -3.71
C SER B 51 10.00 -18.93 -3.98
N TYR B 52 10.42 -17.88 -3.22
CA TYR B 52 11.76 -17.30 -3.31
C TYR B 52 12.79 -18.30 -2.73
N GLN B 53 12.50 -18.89 -1.54
CA GLN B 53 13.41 -19.85 -0.89
C GLN B 53 13.61 -21.14 -1.73
N ALA B 54 12.58 -21.58 -2.48
CA ALA B 54 12.61 -22.79 -3.34
C ALA B 54 13.49 -22.55 -4.59
N LYS B 55 13.62 -21.27 -5.01
CA LYS B 55 14.46 -20.79 -6.11
C LYS B 55 15.88 -20.75 -5.63
N LYS B 56 16.08 -20.41 -4.36
CA LYS B 56 17.38 -20.37 -3.69
C LYS B 56 17.96 -21.77 -3.51
N LYS B 57 17.14 -22.76 -3.10
CA LYS B 57 17.52 -24.17 -2.90
C LYS B 57 18.04 -24.77 -4.21
N THR B 58 17.44 -24.37 -5.35
CA THR B 58 17.80 -24.77 -6.71
C THR B 58 19.13 -24.12 -7.13
N MET B 59 19.24 -22.78 -6.94
CA MET B 59 20.40 -21.97 -7.28
C MET B 59 21.60 -22.31 -6.41
N ASP B 60 21.38 -22.73 -5.14
CA ASP B 60 22.43 -23.16 -4.20
C ASP B 60 22.97 -24.55 -4.64
N ALA B 61 22.10 -25.39 -5.25
CA ALA B 61 22.41 -26.73 -5.74
C ALA B 61 23.06 -26.71 -7.16
N LYS B 62 23.27 -25.53 -7.76
CA LYS B 62 23.87 -25.52 -9.09
C LYS B 62 25.04 -24.54 -9.22
N ASN B 63 25.18 -23.54 -8.33
CA ASN B 63 26.26 -22.57 -8.52
C ASN B 63 27.49 -22.79 -7.60
N GLY B 64 27.69 -24.02 -7.12
CA GLY B 64 28.82 -24.40 -6.28
C GLY B 64 29.06 -23.54 -5.06
N GLN B 65 30.26 -22.92 -5.01
CA GLN B 65 30.78 -22.05 -3.94
C GLN B 65 30.18 -20.62 -3.93
N THR B 66 29.47 -20.22 -5.01
CA THR B 66 28.89 -18.89 -5.22
C THR B 66 27.85 -18.52 -4.16
N MET B 67 27.96 -17.27 -3.65
CA MET B 67 27.01 -16.64 -2.73
C MET B 67 26.00 -16.03 -3.64
N ASN B 68 24.94 -16.81 -3.82
CA ASN B 68 23.87 -16.53 -4.76
C ASN B 68 23.04 -15.34 -4.38
N GLU B 69 22.85 -15.10 -3.08
CA GLU B 69 21.98 -14.03 -2.59
C GLU B 69 22.78 -12.81 -2.15
N LYS B 70 22.25 -11.63 -2.51
CA LYS B 70 22.74 -10.29 -2.12
C LYS B 70 21.56 -9.46 -1.66
N GLN B 71 21.79 -8.46 -0.79
CA GLN B 71 20.74 -7.56 -0.31
C GLN B 71 20.93 -6.22 -1.02
N LEU B 72 19.99 -5.91 -1.95
CA LEU B 72 20.03 -4.72 -2.81
C LEU B 72 18.87 -3.77 -2.58
N PHE B 73 18.88 -2.62 -3.26
CA PHE B 73 17.87 -1.56 -3.10
C PHE B 73 17.04 -1.36 -4.34
N HIS B 74 15.77 -1.03 -4.17
CA HIS B 74 14.84 -0.78 -5.28
C HIS B 74 13.90 0.39 -4.97
N GLY B 75 14.11 1.51 -5.64
CA GLY B 75 13.27 2.70 -5.51
C GLY B 75 12.03 2.58 -6.36
N THR B 76 10.86 2.98 -5.82
CA THR B 76 9.57 2.90 -6.52
C THR B 76 8.59 4.02 -6.02
N ASP B 77 7.51 4.29 -6.78
CA ASP B 77 6.50 5.30 -6.44
C ASP B 77 5.61 4.82 -5.31
N ALA B 78 4.93 5.75 -4.60
CA ALA B 78 4.04 5.46 -3.47
C ALA B 78 2.97 4.39 -3.80
N GLY B 79 2.42 4.46 -5.02
CA GLY B 79 1.37 3.57 -5.53
C GLY B 79 1.74 2.16 -5.93
N SER B 80 3.03 1.86 -6.15
CA SER B 80 3.48 0.51 -6.53
C SER B 80 3.73 -0.35 -5.29
N VAL B 81 3.76 0.28 -4.10
CA VAL B 81 3.98 -0.38 -2.80
C VAL B 81 2.90 -1.49 -2.60
N PRO B 82 1.57 -1.26 -2.76
CA PRO B 82 0.64 -2.39 -2.62
C PRO B 82 0.99 -3.56 -3.55
N HIS B 83 1.25 -3.29 -4.85
CA HIS B 83 1.59 -4.28 -5.88
C HIS B 83 2.79 -5.14 -5.50
N VAL B 84 3.91 -4.50 -5.14
CA VAL B 84 5.15 -5.18 -4.79
C VAL B 84 4.95 -6.04 -3.53
N ASN B 85 4.25 -5.52 -2.53
CA ASN B 85 3.99 -6.24 -1.28
C ASN B 85 3.24 -7.58 -1.47
N ARG B 86 2.48 -7.73 -2.56
CA ARG B 86 1.74 -8.97 -2.81
C ARG B 86 2.38 -9.85 -3.90
N ASN B 87 2.95 -9.23 -4.96
CA ASN B 87 3.50 -9.89 -6.13
C ASN B 87 5.03 -9.87 -6.18
N GLY B 88 5.63 -8.89 -5.54
CA GLY B 88 7.07 -8.70 -5.57
C GLY B 88 7.47 -8.00 -6.85
N PHE B 89 8.57 -8.44 -7.45
CA PHE B 89 9.08 -7.82 -8.67
C PHE B 89 8.75 -8.66 -9.91
N ASN B 90 7.71 -9.50 -9.77
CA ASN B 90 7.15 -10.39 -10.79
C ASN B 90 6.39 -9.56 -11.84
N ARG B 91 6.84 -9.72 -13.11
CA ARG B 91 6.67 -9.10 -14.44
C ARG B 91 5.46 -8.12 -14.64
N SER B 92 4.37 -8.19 -13.87
CA SER B 92 3.25 -7.23 -14.01
C SER B 92 3.67 -5.80 -13.54
N TYR B 93 4.82 -5.67 -12.82
CA TYR B 93 5.37 -4.42 -12.26
C TYR B 93 5.77 -3.39 -13.38
N ALA B 94 5.27 -2.14 -13.22
CA ALA B 94 5.50 -0.99 -14.11
C ALA B 94 6.86 -0.35 -13.85
N VAL B 99 16.29 -0.46 -18.85
CA VAL B 99 16.50 0.29 -20.08
C VAL B 99 17.87 -0.07 -20.74
N ALA B 100 18.98 0.33 -20.09
CA ALA B 100 20.36 0.19 -20.55
C ALA B 100 20.91 -1.25 -20.55
N TYR B 101 20.52 -2.10 -19.56
CA TYR B 101 21.09 -3.45 -19.40
C TYR B 101 20.05 -4.64 -19.49
N GLY B 102 18.95 -4.44 -20.21
CA GLY B 102 17.91 -5.45 -20.42
C GLY B 102 16.57 -5.18 -19.76
N LYS B 103 15.48 -5.78 -20.30
CA LYS B 103 14.09 -5.61 -19.83
C LYS B 103 13.74 -6.55 -18.65
N GLY B 104 13.92 -6.02 -17.44
CA GLY B 104 13.66 -6.69 -16.17
C GLY B 104 13.53 -5.68 -15.05
N THR B 105 13.90 -6.07 -13.83
CA THR B 105 13.82 -5.19 -12.67
C THR B 105 15.24 -4.86 -12.20
N TYR B 106 15.54 -3.56 -12.06
CA TYR B 106 16.84 -3.11 -11.63
C TYR B 106 16.89 -3.00 -10.14
N PHE B 107 18.05 -3.34 -9.56
CA PHE B 107 18.32 -3.21 -8.13
C PHE B 107 19.69 -2.57 -7.96
N ALA B 108 19.79 -1.48 -7.17
CA ALA B 108 21.08 -0.82 -6.94
C ALA B 108 21.80 -1.40 -5.70
N VAL B 109 23.13 -1.26 -5.66
CA VAL B 109 23.94 -1.74 -4.54
C VAL B 109 23.92 -0.66 -3.47
N ASN B 110 24.02 0.61 -3.89
CA ASN B 110 23.96 1.78 -3.04
C ASN B 110 22.54 2.35 -3.05
N ALA B 111 22.01 2.67 -1.85
CA ALA B 111 20.67 3.23 -1.67
C ALA B 111 20.50 4.55 -2.41
N ASN B 112 21.58 5.34 -2.53
CA ASN B 112 21.56 6.66 -3.18
C ASN B 112 21.25 6.59 -4.70
N TYR B 113 21.37 5.39 -5.33
CA TYR B 113 20.98 5.24 -6.73
C TYR B 113 19.44 5.14 -6.76
N SER B 114 18.86 4.22 -5.95
CA SER B 114 17.42 4.02 -5.76
C SER B 114 16.72 5.25 -5.14
N ALA B 115 17.49 6.14 -4.42
CA ALA B 115 16.97 7.37 -3.78
C ALA B 115 16.69 8.49 -4.78
N ASN B 116 17.09 8.32 -6.03
CA ASN B 116 16.80 9.27 -7.09
C ASN B 116 15.28 9.44 -7.24
N ASP B 117 14.84 10.69 -7.45
CA ASP B 117 13.42 11.05 -7.60
C ASP B 117 12.72 10.33 -8.78
N THR B 118 13.46 9.86 -9.82
CA THR B 118 12.86 9.13 -10.95
C THR B 118 12.39 7.72 -10.48
N TYR B 119 13.05 7.18 -9.43
CA TYR B 119 12.79 5.84 -8.91
C TYR B 119 11.90 5.94 -7.65
N SER B 120 12.41 6.48 -6.52
CA SER B 120 11.54 6.66 -5.35
C SER B 120 10.88 8.04 -5.47
N ARG B 121 9.85 8.14 -6.33
CA ARG B 121 9.13 9.38 -6.64
C ARG B 121 8.45 9.91 -5.38
N PRO B 122 8.80 11.16 -4.96
CA PRO B 122 8.20 11.72 -3.72
C PRO B 122 6.72 11.92 -3.89
N ASP B 123 5.92 11.45 -2.91
CA ASP B 123 4.48 11.55 -3.02
C ASP B 123 3.99 12.98 -2.66
N ALA B 124 2.67 13.14 -2.39
CA ALA B 124 2.09 14.44 -2.07
C ALA B 124 2.62 15.01 -0.76
N ASN B 125 2.93 14.14 0.23
CA ASN B 125 3.49 14.53 1.53
C ASN B 125 5.02 14.65 1.47
N GLY B 126 5.62 14.20 0.37
CA GLY B 126 7.06 14.23 0.14
C GLY B 126 7.80 12.96 0.50
N ARG B 127 7.05 11.87 0.75
CA ARG B 127 7.62 10.59 1.14
C ARG B 127 8.15 9.80 -0.06
N LYS B 128 9.36 9.23 0.10
CA LYS B 128 10.02 8.42 -0.91
C LYS B 128 10.13 7.00 -0.40
N HIS B 129 10.00 6.00 -1.29
CA HIS B 129 9.96 4.58 -0.91
C HIS B 129 11.04 3.80 -1.61
N VAL B 130 11.93 3.18 -0.81
CA VAL B 130 13.07 2.40 -1.29
C VAL B 130 12.99 1.11 -0.55
N TYR B 131 13.00 0.00 -1.28
CA TYR B 131 12.96 -1.33 -0.71
C TYR B 131 14.36 -1.84 -0.48
N TYR B 132 14.54 -2.70 0.55
CA TYR B 132 15.78 -3.42 0.84
C TYR B 132 15.41 -4.88 0.53
N VAL B 133 15.74 -5.31 -0.69
CA VAL B 133 15.35 -6.57 -1.31
C VAL B 133 16.43 -7.63 -1.20
N ARG B 134 16.01 -8.90 -0.99
CA ARG B 134 16.88 -10.07 -1.04
C ARG B 134 16.84 -10.55 -2.48
N VAL B 135 17.95 -10.41 -3.22
CA VAL B 135 18.01 -10.78 -4.63
C VAL B 135 18.93 -12.01 -4.83
N LEU B 136 18.48 -12.99 -5.63
CA LEU B 136 19.23 -14.17 -6.01
C LEU B 136 20.02 -13.80 -7.28
N THR B 137 21.16 -13.12 -7.08
CA THR B 137 22.07 -12.64 -8.14
C THR B 137 22.84 -13.79 -8.81
N GLY B 138 23.09 -14.88 -8.07
CA GLY B 138 23.79 -16.07 -8.56
C GLY B 138 25.05 -15.75 -9.32
N ILE B 139 25.17 -16.31 -10.55
CA ILE B 139 26.29 -16.10 -11.50
C ILE B 139 25.82 -15.06 -12.55
N TYR B 140 26.56 -13.95 -12.67
CA TYR B 140 26.20 -12.83 -13.55
C TYR B 140 27.29 -12.44 -14.56
N THR B 141 26.83 -11.96 -15.73
CA THR B 141 27.64 -11.49 -16.85
C THR B 141 27.35 -9.97 -17.04
N HIS B 142 27.88 -9.38 -18.13
CA HIS B 142 27.63 -7.98 -18.47
C HIS B 142 26.33 -7.87 -19.28
N GLY B 143 25.57 -6.82 -19.03
CA GLY B 143 24.28 -6.60 -19.70
C GLY B 143 24.28 -5.59 -20.83
N ASN B 144 23.23 -5.66 -21.66
CA ASN B 144 22.96 -4.77 -22.81
C ASN B 144 21.44 -4.56 -22.97
N HIS B 145 21.04 -3.44 -23.62
CA HIS B 145 19.65 -3.01 -23.83
C HIS B 145 18.72 -4.06 -24.48
N SER B 146 19.26 -4.94 -25.36
CA SER B 146 18.51 -5.94 -26.13
C SER B 146 18.02 -7.19 -25.35
N LEU B 147 18.53 -7.41 -24.12
CA LEU B 147 18.15 -8.57 -23.30
C LEU B 147 16.70 -8.54 -22.83
N ILE B 148 16.07 -9.72 -22.83
CA ILE B 148 14.70 -10.03 -22.38
C ILE B 148 14.79 -11.17 -21.36
N VAL B 149 15.83 -12.02 -21.55
CA VAL B 149 16.25 -13.17 -20.73
C VAL B 149 17.80 -13.08 -20.58
N PRO B 150 18.43 -13.54 -19.46
CA PRO B 150 19.90 -13.44 -19.35
C PRO B 150 20.63 -14.27 -20.43
N PRO B 151 21.83 -13.83 -20.90
CA PRO B 151 22.55 -14.60 -21.95
C PRO B 151 22.84 -16.04 -21.54
N SER B 152 23.02 -16.93 -22.52
CA SER B 152 23.33 -18.33 -22.26
C SER B 152 24.79 -18.48 -21.82
N LYS B 153 25.03 -19.32 -20.78
CA LYS B 153 26.35 -19.58 -20.24
C LYS B 153 27.23 -20.23 -21.32
N ASN B 154 26.92 -21.50 -21.69
CA ASN B 154 27.67 -22.31 -22.65
C ASN B 154 27.03 -22.29 -24.08
N PRO B 155 27.84 -22.22 -25.18
CA PRO B 155 27.24 -22.21 -26.52
C PRO B 155 26.71 -23.59 -26.94
N GLN B 156 27.37 -24.68 -26.48
CA GLN B 156 26.98 -26.08 -26.74
C GLN B 156 25.71 -26.43 -25.94
N ASN B 157 25.56 -25.82 -24.75
CA ASN B 157 24.44 -25.99 -23.82
C ASN B 157 23.79 -24.59 -23.54
N PRO B 158 22.98 -24.04 -24.49
CA PRO B 158 22.41 -22.70 -24.27
C PRO B 158 21.14 -22.66 -23.43
N THR B 159 20.54 -23.85 -23.08
CA THR B 159 19.32 -23.97 -22.25
C THR B 159 19.57 -23.31 -20.88
N ASP B 160 20.81 -23.50 -20.37
CA ASP B 160 21.31 -22.94 -19.13
C ASP B 160 21.85 -21.52 -19.44
N LEU B 161 21.28 -20.50 -18.78
CA LEU B 161 21.65 -19.10 -18.96
C LEU B 161 22.23 -18.51 -17.64
N TYR B 162 22.62 -17.20 -17.64
CA TYR B 162 23.10 -16.50 -16.45
C TYR B 162 21.91 -16.21 -15.52
N ASP B 163 22.14 -15.85 -14.25
CA ASP B 163 21.02 -15.62 -13.35
C ASP B 163 20.56 -14.15 -13.40
N THR B 164 21.52 -13.23 -13.45
CA THR B 164 21.31 -11.79 -13.57
C THR B 164 22.39 -11.21 -14.48
N VAL B 165 22.32 -9.89 -14.74
CA VAL B 165 23.30 -9.12 -15.52
C VAL B 165 23.64 -7.89 -14.67
N THR B 166 24.81 -7.30 -14.90
CA THR B 166 25.30 -6.18 -14.10
C THR B 166 25.96 -5.13 -14.99
N ASP B 167 26.26 -3.96 -14.41
CA ASP B 167 26.91 -2.86 -15.10
C ASP B 167 28.45 -3.11 -15.24
N ASN B 168 29.06 -3.81 -14.24
CA ASN B 168 30.48 -4.15 -14.08
C ASN B 168 30.57 -5.44 -13.26
N VAL B 169 31.06 -6.53 -13.86
CA VAL B 169 31.14 -7.90 -13.30
C VAL B 169 32.08 -7.98 -12.06
N HIS B 170 33.19 -7.22 -12.07
CA HIS B 170 34.17 -7.22 -11.00
C HIS B 170 33.83 -6.24 -9.88
N HIS B 171 33.13 -5.13 -10.20
CA HIS B 171 32.68 -4.11 -9.25
C HIS B 171 31.21 -3.72 -9.55
N PRO B 172 30.26 -4.62 -9.19
CA PRO B 172 28.86 -4.36 -9.50
C PRO B 172 28.26 -3.21 -8.71
N SER B 173 27.38 -2.43 -9.38
CA SER B 173 26.65 -1.27 -8.82
C SER B 173 25.13 -1.48 -8.98
N LEU B 174 24.71 -2.11 -10.07
CA LEU B 174 23.31 -2.45 -10.28
C LEU B 174 23.20 -3.81 -10.92
N PHE B 175 22.11 -4.52 -10.62
CA PHE B 175 21.75 -5.82 -11.18
C PHE B 175 20.37 -5.79 -11.75
N VAL B 176 20.16 -6.52 -12.84
CA VAL B 176 18.88 -6.68 -13.51
C VAL B 176 18.42 -8.13 -13.34
N ALA B 177 17.29 -8.34 -12.64
CA ALA B 177 16.65 -9.65 -12.47
C ALA B 177 15.61 -9.84 -13.57
N PHE B 178 15.44 -11.08 -14.10
CA PHE B 178 14.51 -11.32 -15.19
C PHE B 178 13.39 -12.35 -14.89
N TYR B 179 13.42 -13.03 -13.73
CA TYR B 179 12.40 -14.05 -13.46
C TYR B 179 11.71 -13.85 -12.18
N ASP B 180 10.43 -14.25 -12.16
CA ASP B 180 9.56 -14.22 -10.99
C ASP B 180 10.16 -15.09 -9.91
N TYR B 181 10.15 -14.59 -8.66
CA TYR B 181 10.63 -15.24 -7.43
C TYR B 181 12.17 -15.18 -7.29
N GLN B 182 12.84 -14.34 -8.10
CA GLN B 182 14.30 -14.14 -7.99
C GLN B 182 14.62 -13.12 -6.87
N ALA B 183 13.63 -12.26 -6.51
CA ALA B 183 13.78 -11.22 -5.49
C ALA B 183 12.60 -11.20 -4.50
N TYR B 184 12.90 -10.92 -3.21
CA TYR B 184 11.90 -10.80 -2.13
C TYR B 184 11.94 -9.39 -1.47
N PRO B 185 10.83 -8.60 -1.51
CA PRO B 185 10.87 -7.24 -0.90
C PRO B 185 10.79 -7.33 0.63
N GLU B 186 11.86 -7.85 1.28
CA GLU B 186 11.90 -8.02 2.73
C GLU B 186 11.59 -6.73 3.49
N TYR B 187 12.25 -5.59 3.14
CA TYR B 187 12.02 -4.33 3.85
C TYR B 187 11.58 -3.16 2.98
N LEU B 188 10.73 -2.30 3.54
CA LEU B 188 10.34 -1.04 2.90
C LEU B 188 10.83 0.10 3.76
N ILE B 189 11.70 0.97 3.20
CA ILE B 189 12.23 2.17 3.87
C ILE B 189 11.48 3.39 3.34
N THR B 190 10.71 4.07 4.21
CA THR B 190 9.95 5.27 3.89
C THR B 190 10.73 6.45 4.47
N PHE B 191 11.00 7.49 3.67
CA PHE B 191 11.83 8.63 4.09
C PHE B 191 11.53 9.93 3.34
N ARG B 192 12.07 11.06 3.83
CA ARG B 192 11.96 12.38 3.21
C ARG B 192 13.34 13.02 3.07
N LYS B 193 13.39 14.23 2.45
CA LYS B 193 14.63 14.97 2.21
C LYS B 193 14.92 15.93 3.37
CAB EE5 C . -18.33 18.12 -2.43
CAC EE5 C . -17.86 16.69 -2.40
CAD EE5 C . -17.36 15.50 -2.35
CAE EE5 C . -16.79 14.10 -2.30
CAQ EE5 C . -15.40 14.00 -1.92
CAY EE5 C . -14.67 15.17 -1.65
CAR EE5 C . -14.71 12.73 -1.85
NAS EE5 C . -13.39 12.74 -1.51
CAF EE5 C . -17.47 12.83 -2.61
CAG EE5 C . -16.79 11.55 -2.52
CAH EE5 C . -15.40 11.49 -2.16
CAI EE5 C . -14.61 10.30 -2.08
OAA EE5 C . -15.03 9.18 -2.32
NAJ EE5 C . -13.26 10.37 -1.72
CAK EE5 C . -12.66 11.62 -1.44
CAL EE5 C . -11.32 11.74 -1.11
SAM EE5 C . -10.29 11.74 -2.64
CAN EE5 C . -10.28 13.36 -3.35
CAO EE5 C . -11.16 14.41 -2.95
CAP EE5 C . -11.12 15.70 -3.55
CAV EE5 C . -10.17 15.95 -4.56
CAW EE5 C . -10.10 17.20 -5.17
OAZ EE5 C . -10.90 18.11 -4.81
OAX EE5 C . -9.25 17.40 -6.09
CAU EE5 C . -9.29 14.92 -4.96
CAT EE5 C . -9.34 13.64 -4.37
CAB EE5 D . 20.71 2.63 -15.68
CAC EE5 D . 19.78 2.44 -14.54
CAD EE5 D . 19.01 2.27 -13.57
CAE EE5 D . 18.09 2.06 -12.40
CAQ EE5 D . 16.65 1.89 -12.54
CAY EE5 D . 16.01 1.93 -13.83
CAR EE5 D . 15.87 1.68 -11.35
NAS EE5 D . 14.52 1.51 -11.45
CAF EE5 D . 18.64 2.01 -11.09
CAG EE5 D . 17.86 1.81 -9.91
CAH EE5 D . 16.48 1.64 -10.02
CAI EE5 D . 15.66 1.43 -8.89
OAA EE5 D . 16.08 1.37 -7.74
NAJ EE5 D . 14.27 1.25 -9.09
CAK EE5 D . 13.71 1.30 -10.39
CAL EE5 D . 12.34 1.12 -10.64
SAM EE5 D . 11.29 2.63 -10.78
CAN EE5 D . 11.59 3.31 -12.41
CAO EE5 D . 12.31 2.58 -13.35
CAP EE5 D . 12.58 3.09 -14.64
CAV EE5 D . 12.12 4.37 -15.06
CAW EE5 D . 12.45 4.83 -16.40
OAZ EE5 D . 13.13 4.09 -17.20
OAX EE5 D . 12.06 5.97 -16.83
CAU EE5 D . 11.37 5.13 -14.11
CAT EE5 D . 11.11 4.60 -12.80
#